data_4JT2
#
_entry.id   4JT2
#
_cell.length_a   45.306
_cell.length_b   66.781
_cell.length_c   119.546
_cell.angle_alpha   90.00
_cell.angle_beta   90.00
_cell.angle_gamma   90.00
#
_symmetry.space_group_name_H-M   'P 21 21 21'
#
loop_
_entity.id
_entity.type
_entity.pdbx_description
1 polymer Metallophosphoesterase
2 non-polymer 'MAGNESIUM ION'
3 non-polymer "CYTIDINE-5'-TRIPHOSPHATE"
4 water water
#
_entity_poly.entity_id   1
_entity_poly.type   'polypeptide(L)'
_entity_poly.pdbx_seq_one_letter_code
;S(MSE)KLTIPELSLVVLIGSSGSGKSTFAKKHFKPTEVISSDFCRGL(MSE)SDDENDQTVTGAAFDVLHYIVSKRLQL
GKLTVVDATNVQESARKPLIEIAKDYHCFPVAVVFNLPEKVCQERNKNRTDRQVEEYVIRKHTQQ(MSE)KKSIKGLQRE
GFRYVYILNSPEEVEEVVFERQP
;
_entity_poly.pdbx_strand_id   A,B
#
loop_
_chem_comp.id
_chem_comp.type
_chem_comp.name
_chem_comp.formula
CTP non-polymer CYTIDINE-5'-TRIPHOSPHATE 'C9 H16 N3 O14 P3'
MG non-polymer 'MAGNESIUM ION' 'Mg 2'
#
# COMPACT_ATOMS: atom_id res chain seq x y z
N SER A 1 -10.53 -6.42 -12.19
CA SER A 1 -9.88 -5.12 -12.23
C SER A 1 -9.09 -4.87 -10.95
N MSE A 2 -8.44 -3.72 -10.88
CA MSE A 2 -7.62 -3.38 -9.72
C MSE A 2 -8.21 -2.17 -9.01
O MSE A 2 -7.92 -1.03 -9.38
CB MSE A 2 -6.20 -3.07 -10.16
CG MSE A 2 -5.20 -3.11 -9.03
SE MSE A 2 -3.89 -4.52 -9.33
CE MSE A 2 -2.35 -3.46 -8.74
N LYS A 3 -9.03 -2.41 -7.99
CA LYS A 3 -9.77 -1.36 -7.32
C LYS A 3 -8.93 -0.56 -6.32
N LEU A 4 -8.82 0.74 -6.57
CA LEU A 4 -8.09 1.64 -5.69
C LEU A 4 -9.08 2.54 -4.97
N THR A 5 -9.08 2.42 -3.65
CA THR A 5 -10.05 3.13 -2.81
C THR A 5 -9.51 4.50 -2.39
N ILE A 6 -10.30 5.54 -2.62
CA ILE A 6 -9.91 6.88 -2.18
C ILE A 6 -11.08 7.60 -1.52
N PRO A 7 -10.78 8.37 -0.45
CA PRO A 7 -11.86 9.12 0.21
C PRO A 7 -12.38 10.22 -0.73
N GLU A 8 -13.63 10.62 -0.53
CA GLU A 8 -14.28 11.63 -1.36
C GLU A 8 -13.44 12.90 -1.40
N LEU A 9 -12.81 13.20 -0.26
CA LEU A 9 -11.90 14.31 -0.16
C LEU A 9 -10.46 13.81 0.04
N SER A 10 -9.67 13.86 -1.01
CA SER A 10 -8.28 13.45 -0.92
C SER A 10 -7.38 14.22 -1.88
N LEU A 11 -6.09 14.20 -1.56
CA LEU A 11 -5.07 14.69 -2.46
C LEU A 11 -4.40 13.48 -3.10
N VAL A 12 -4.66 13.27 -4.39
CA VAL A 12 -4.07 12.14 -5.11
C VAL A 12 -2.79 12.55 -5.82
N VAL A 13 -1.68 11.95 -5.40
CA VAL A 13 -0.37 12.34 -5.90
C VAL A 13 0.17 11.29 -6.85
N LEU A 14 0.33 11.68 -8.11
CA LEU A 14 0.87 10.77 -9.11
C LEU A 14 2.39 10.73 -9.01
N ILE A 15 2.96 9.53 -9.04
CA ILE A 15 4.41 9.37 -8.90
C ILE A 15 4.97 8.49 -10.02
N GLY A 16 5.79 9.08 -10.88
CA GLY A 16 6.31 8.35 -12.01
C GLY A 16 7.23 9.19 -12.89
N SER A 17 8.13 8.49 -13.57
CA SER A 17 9.03 9.09 -14.54
C SER A 17 8.28 9.79 -15.65
N SER A 18 8.96 10.67 -16.37
CA SER A 18 8.41 11.16 -17.61
C SER A 18 8.19 9.96 -18.53
N GLY A 19 7.06 9.93 -19.22
CA GLY A 19 6.75 8.81 -20.11
C GLY A 19 6.03 7.66 -19.43
N SER A 20 5.88 7.73 -18.11
CA SER A 20 5.25 6.64 -17.38
C SER A 20 3.72 6.64 -17.56
N GLY A 21 3.18 7.75 -18.06
CA GLY A 21 1.78 7.81 -18.45
C GLY A 21 0.83 8.47 -17.46
N LYS A 22 1.36 9.34 -16.61
CA LYS A 22 0.56 10.01 -15.57
C LYS A 22 -0.62 10.85 -16.11
N SER A 23 -0.33 11.74 -17.05
CA SER A 23 -1.37 12.61 -17.61
C SER A 23 -2.46 11.84 -18.37
N THR A 24 -2.04 10.82 -19.10
CA THR A 24 -2.98 9.90 -19.74
C THR A 24 -3.92 9.30 -18.70
N PHE A 25 -3.33 8.81 -17.61
CA PHE A 25 -4.06 8.21 -16.48
C PHE A 25 -5.03 9.23 -15.87
N ALA A 26 -4.52 10.42 -15.55
CA ALA A 26 -5.34 11.48 -14.96
C ALA A 26 -6.57 11.82 -15.81
N LYS A 27 -6.38 11.90 -17.12
CA LYS A 27 -7.46 12.29 -18.01
C LYS A 27 -8.51 11.18 -18.12
N LYS A 28 -8.06 9.94 -18.05
CA LYS A 28 -8.96 8.79 -18.11
C LYS A 28 -9.83 8.70 -16.86
N HIS A 29 -9.25 8.95 -15.68
CA HIS A 29 -9.95 8.70 -14.42
C HIS A 29 -10.61 9.90 -13.75
N PHE A 30 -10.08 11.10 -13.99
CA PHE A 30 -10.57 12.27 -13.26
C PHE A 30 -11.10 13.36 -14.19
N LYS A 31 -11.93 14.24 -13.64
CA LYS A 31 -12.39 15.40 -14.39
C LYS A 31 -11.22 16.38 -14.54
N PRO A 32 -11.16 17.07 -15.69
CA PRO A 32 -10.16 18.10 -16.02
C PRO A 32 -9.85 19.06 -14.86
N THR A 33 -10.87 19.58 -14.20
CA THR A 33 -10.66 20.56 -13.14
C THR A 33 -10.11 19.94 -11.85
N GLU A 34 -10.26 18.63 -11.70
CA GLU A 34 -9.69 17.97 -10.53
C GLU A 34 -8.18 17.82 -10.67
N VAL A 35 -7.69 17.92 -11.91
CA VAL A 35 -6.29 17.69 -12.22
C VAL A 35 -5.47 18.97 -12.35
N ILE A 36 -4.35 19.03 -11.63
CA ILE A 36 -3.45 20.18 -11.70
C ILE A 36 -2.07 19.69 -12.07
N SER A 37 -1.55 20.13 -13.21
CA SER A 37 -0.26 19.61 -13.66
C SER A 37 0.83 20.65 -13.54
N SER A 38 2.07 20.19 -13.44
CA SER A 38 3.20 21.11 -13.41
C SER A 38 3.37 21.83 -14.75
N ASP A 39 3.15 21.12 -15.86
CA ASP A 39 3.21 21.70 -17.20
CA ASP A 39 3.25 21.73 -17.17
C ASP A 39 2.26 22.89 -17.32
N PHE A 40 1.06 22.70 -16.78
CA PHE A 40 0.05 23.74 -16.82
C PHE A 40 0.47 24.98 -16.07
N CYS A 41 1.08 24.80 -14.91
CA CYS A 41 1.52 25.92 -14.09
C CYS A 41 2.73 26.62 -14.70
N ARG A 42 3.58 25.84 -15.36
CA ARG A 42 4.68 26.40 -16.11
C ARG A 42 4.11 27.33 -17.17
N GLY A 43 2.99 26.92 -17.75
CA GLY A 43 2.34 27.65 -18.83
C GLY A 43 1.74 28.97 -18.39
N LEU A 44 1.46 29.09 -17.10
CA LEU A 44 1.01 30.36 -16.53
C LEU A 44 2.12 31.39 -16.40
N MSE A 45 3.36 30.91 -16.37
CA MSE A 45 4.51 31.78 -16.14
C MSE A 45 5.22 32.09 -17.46
O MSE A 45 5.95 33.07 -17.58
CB MSE A 45 5.50 31.09 -15.20
CG MSE A 45 4.89 30.70 -13.86
SE MSE A 45 4.41 32.31 -12.87
CE MSE A 45 2.51 32.23 -12.95
N SER A 46 4.98 31.26 -18.48
CA SER A 46 5.74 31.38 -19.71
C SER A 46 5.00 30.73 -20.88
N ASP A 47 5.02 31.42 -22.01
CA ASP A 47 4.50 30.85 -23.25
C ASP A 47 5.43 29.76 -23.78
N ASP A 48 6.75 29.99 -23.65
CA ASP A 48 7.74 28.99 -24.05
C ASP A 48 7.38 27.69 -23.33
N GLU A 49 7.10 26.64 -24.09
CA GLU A 49 6.42 25.49 -23.48
C GLU A 49 7.38 24.44 -22.92
N ASN A 50 7.00 23.88 -21.78
CA ASN A 50 7.90 23.10 -20.94
C ASN A 50 9.10 23.96 -20.55
N ASP A 51 8.85 25.26 -20.32
CA ASP A 51 9.91 26.22 -20.00
C ASP A 51 10.53 25.92 -18.65
N GLN A 52 11.85 25.72 -18.65
CA GLN A 52 12.55 25.31 -17.44
C GLN A 52 12.96 26.47 -16.56
N THR A 53 12.87 27.69 -17.08
CA THR A 53 13.44 28.84 -16.40
C THR A 53 12.49 29.44 -15.36
N VAL A 54 11.34 28.79 -15.19
CA VAL A 54 10.23 29.29 -14.39
C VAL A 54 9.74 28.16 -13.48
N THR A 55 10.56 27.12 -13.39
CA THR A 55 10.22 25.90 -12.67
C THR A 55 9.82 26.09 -11.21
N GLY A 56 10.67 26.78 -10.45
CA GLY A 56 10.39 27.04 -9.04
C GLY A 56 9.10 27.80 -8.86
N ALA A 57 8.93 28.88 -9.62
CA ALA A 57 7.72 29.70 -9.53
C ALA A 57 6.49 28.85 -9.87
N ALA A 58 6.62 28.03 -10.90
CA ALA A 58 5.55 27.15 -11.31
C ALA A 58 5.14 26.19 -10.18
N PHE A 59 6.11 25.65 -9.45
CA PHE A 59 5.77 24.75 -8.37
C PHE A 59 5.12 25.49 -7.21
N ASP A 60 5.53 26.74 -6.99
CA ASP A 60 4.88 27.59 -5.99
C ASP A 60 3.41 27.78 -6.35
N VAL A 61 3.16 28.00 -7.63
CA VAL A 61 1.79 28.19 -8.11
C VAL A 61 0.98 26.90 -7.95
N LEU A 62 1.59 25.77 -8.28
CA LEU A 62 0.95 24.48 -8.14
C LEU A 62 0.55 24.22 -6.69
N HIS A 63 1.46 24.47 -5.76
CA HIS A 63 1.19 24.30 -4.34
C HIS A 63 0.05 25.20 -3.86
N TYR A 64 0.00 26.43 -4.37
CA TYR A 64 -1.01 27.38 -3.95
C TYR A 64 -2.40 27.02 -4.46
N ILE A 65 -2.49 26.62 -5.73
CA ILE A 65 -3.75 26.20 -6.34
C ILE A 65 -4.27 24.94 -5.64
N VAL A 66 -3.37 23.98 -5.39
CA VAL A 66 -3.76 22.76 -4.67
C VAL A 66 -4.29 23.14 -3.29
N SER A 67 -3.58 24.02 -2.59
CA SER A 67 -3.97 24.43 -1.26
C SER A 67 -5.38 25.03 -1.21
N LYS A 68 -5.72 25.90 -2.16
CA LYS A 68 -7.05 26.53 -2.15
C LYS A 68 -8.19 25.56 -2.53
N ARG A 69 -7.92 24.61 -3.42
CA ARG A 69 -8.90 23.59 -3.73
C ARG A 69 -9.23 22.74 -2.52
N LEU A 70 -8.22 22.26 -1.82
CA LEU A 70 -8.47 21.42 -0.65
C LEU A 70 -9.20 22.26 0.41
N GLN A 71 -8.85 23.53 0.50
CA GLN A 71 -9.51 24.43 1.43
C GLN A 71 -11.01 24.46 1.14
N LEU A 72 -11.37 24.42 -0.13
CA LEU A 72 -12.77 24.42 -0.53
C LEU A 72 -13.37 23.02 -0.44
N GLY A 73 -12.56 22.04 -0.02
CA GLY A 73 -13.01 20.66 0.07
C GLY A 73 -13.17 19.98 -1.28
N LYS A 74 -12.24 20.23 -2.19
CA LYS A 74 -12.33 19.66 -3.52
C LYS A 74 -11.19 18.69 -3.80
N LEU A 75 -11.53 17.43 -4.04
CA LEU A 75 -10.54 16.41 -4.41
C LEU A 75 -9.64 16.92 -5.54
N THR A 76 -8.33 16.65 -5.42
CA THR A 76 -7.36 17.21 -6.33
C THR A 76 -6.31 16.14 -6.69
N VAL A 77 -5.92 16.08 -7.96
CA VAL A 77 -4.88 15.18 -8.40
C VAL A 77 -3.66 16.00 -8.81
N VAL A 78 -2.48 15.64 -8.33
CA VAL A 78 -1.28 16.37 -8.72
C VAL A 78 -0.52 15.62 -9.81
N ASP A 79 -0.61 16.11 -11.03
CA ASP A 79 0.03 15.48 -12.16
C ASP A 79 1.43 16.05 -12.33
N ALA A 80 2.40 15.45 -11.66
CA ALA A 80 3.79 15.85 -11.81
C ALA A 80 4.63 14.60 -11.59
N THR A 81 5.95 14.68 -11.82
CA THR A 81 6.80 13.51 -11.67
C THR A 81 6.78 12.99 -10.23
N ASN A 82 7.03 13.91 -9.29
CA ASN A 82 6.95 13.60 -7.86
C ASN A 82 7.86 12.47 -7.39
N VAL A 83 8.97 12.27 -8.09
CA VAL A 83 9.90 11.19 -7.77
C VAL A 83 10.92 11.59 -6.70
N GLN A 84 10.91 12.85 -6.29
CA GLN A 84 11.80 13.31 -5.22
C GLN A 84 11.02 13.59 -3.95
N GLU A 85 11.62 13.26 -2.82
CA GLU A 85 10.99 13.50 -1.53
C GLU A 85 10.67 14.98 -1.34
N SER A 86 11.59 15.83 -1.77
CA SER A 86 11.42 17.28 -1.66
C SER A 86 10.19 17.80 -2.41
N ALA A 87 9.82 17.12 -3.48
CA ALA A 87 8.61 17.46 -4.22
C ALA A 87 7.36 16.92 -3.51
N ARG A 88 7.54 15.87 -2.73
CA ARG A 88 6.39 15.20 -2.16
C ARG A 88 5.99 15.76 -0.80
N LYS A 89 6.99 16.14 0.00
CA LYS A 89 6.73 16.64 1.36
C LYS A 89 5.71 17.78 1.42
N PRO A 90 5.89 18.85 0.60
CA PRO A 90 4.91 19.93 0.75
C PRO A 90 3.48 19.51 0.41
N LEU A 91 3.31 18.57 -0.52
CA LEU A 91 1.98 18.13 -0.87
C LEU A 91 1.33 17.46 0.35
N ILE A 92 2.12 16.70 1.08
CA ILE A 92 1.66 15.97 2.26
C ILE A 92 1.26 16.93 3.37
N GLU A 93 2.09 17.96 3.57
CA GLU A 93 1.83 18.98 4.58
C GLU A 93 0.59 19.81 4.27
N ILE A 94 0.32 20.04 2.99
CA ILE A 94 -0.87 20.77 2.61
C ILE A 94 -2.09 19.93 2.93
N ALA A 95 -2.02 18.66 2.56
CA ALA A 95 -3.10 17.71 2.79
C ALA A 95 -3.46 17.61 4.27
N LYS A 96 -2.44 17.46 5.12
CA LYS A 96 -2.63 17.42 6.56
CA LYS A 96 -2.67 17.40 6.56
C LYS A 96 -3.30 18.68 7.08
N ASP A 97 -2.80 19.83 6.64
CA ASP A 97 -3.31 21.12 7.08
C ASP A 97 -4.81 21.31 6.80
N TYR A 98 -5.29 20.76 5.68
CA TYR A 98 -6.70 20.85 5.35
C TYR A 98 -7.44 19.56 5.68
N HIS A 99 -6.83 18.74 6.55
CA HIS A 99 -7.42 17.50 7.03
C HIS A 99 -7.89 16.61 5.89
N CYS A 100 -6.98 16.40 4.95
CA CYS A 100 -7.27 15.58 3.79
CA CYS A 100 -7.22 15.65 3.74
C CYS A 100 -6.33 14.39 3.75
N PHE A 101 -6.78 13.30 3.14
CA PHE A 101 -5.93 12.12 2.99
C PHE A 101 -5.01 12.28 1.79
N PRO A 102 -3.69 12.26 2.01
CA PRO A 102 -2.75 12.16 0.89
C PRO A 102 -2.66 10.72 0.40
N VAL A 103 -2.88 10.52 -0.90
CA VAL A 103 -2.85 9.20 -1.51
C VAL A 103 -1.80 9.12 -2.60
N ALA A 104 -0.94 8.10 -2.53
CA ALA A 104 0.12 7.93 -3.51
C ALA A 104 -0.22 6.87 -4.54
N VAL A 105 -0.17 7.24 -5.81
CA VAL A 105 -0.32 6.30 -6.92
C VAL A 105 0.99 6.19 -7.69
N VAL A 106 1.66 5.06 -7.56
CA VAL A 106 3.01 4.95 -8.10
C VAL A 106 3.04 4.16 -9.41
N PHE A 107 3.66 4.76 -10.42
CA PHE A 107 3.80 4.12 -11.72
C PHE A 107 5.14 3.39 -11.78
N ASN A 108 5.18 2.21 -11.16
CA ASN A 108 6.39 1.41 -11.07
C ASN A 108 6.65 0.61 -12.35
N LEU A 109 6.84 1.34 -13.45
CA LEU A 109 7.06 0.72 -14.75
C LEU A 109 8.55 0.57 -15.03
N PRO A 110 8.93 -0.40 -15.87
CA PRO A 110 10.33 -0.51 -16.26
C PRO A 110 10.75 0.72 -17.06
N GLU A 111 12.02 1.10 -16.92
CA GLU A 111 12.58 2.26 -17.60
C GLU A 111 12.35 2.20 -19.11
N LYS A 112 12.58 1.03 -19.70
CA LYS A 112 12.47 0.88 -21.15
C LYS A 112 11.06 1.19 -21.68
N VAL A 113 10.06 0.99 -20.84
CA VAL A 113 8.69 1.33 -21.22
C VAL A 113 8.56 2.85 -21.35
N CYS A 114 9.09 3.57 -20.36
CA CYS A 114 9.07 5.03 -20.41
C CYS A 114 9.89 5.57 -21.56
N GLN A 115 11.09 5.03 -21.75
CA GLN A 115 11.96 5.48 -22.84
C GLN A 115 11.30 5.29 -24.20
N GLU A 116 10.60 4.17 -24.36
CA GLU A 116 9.93 3.86 -25.61
C GLU A 116 8.77 4.82 -25.92
N ARG A 117 7.95 5.12 -24.91
CA ARG A 117 6.80 6.01 -25.08
C ARG A 117 7.27 7.42 -25.37
N ASN A 118 8.34 7.80 -24.69
CA ASN A 118 8.96 9.10 -24.89
C ASN A 118 9.34 9.36 -26.33
N LYS A 119 9.93 8.37 -26.99
CA LYS A 119 10.41 8.54 -28.36
C LYS A 119 9.27 8.70 -29.36
N ASN A 120 8.07 8.34 -28.92
CA ASN A 120 6.91 8.39 -29.80
C ASN A 120 5.91 9.51 -29.45
N ARG A 121 6.20 10.27 -28.40
CA ARG A 121 5.37 11.41 -28.01
C ARG A 121 5.29 12.50 -29.09
N THR A 122 4.10 13.09 -29.23
CA THR A 122 3.90 14.12 -30.23
C THR A 122 3.81 15.48 -29.58
N ASP A 123 3.71 15.51 -28.26
CA ASP A 123 3.59 16.79 -27.57
C ASP A 123 4.94 17.40 -27.20
N ARG A 124 5.74 16.65 -26.46
CA ARG A 124 7.09 17.07 -26.09
C ARG A 124 7.89 15.84 -25.67
N GLN A 125 9.21 15.90 -25.79
CA GLN A 125 10.07 14.79 -25.39
C GLN A 125 11.22 15.26 -24.52
N VAL A 126 11.71 14.37 -23.68
CA VAL A 126 12.85 14.66 -22.81
C VAL A 126 14.06 13.83 -23.22
N GLU A 127 15.23 14.21 -22.72
CA GLU A 127 16.46 13.44 -22.95
C GLU A 127 16.40 12.08 -22.22
N GLU A 128 17.14 11.10 -22.75
CA GLU A 128 17.10 9.74 -22.20
C GLU A 128 17.62 9.66 -20.76
N TYR A 129 18.66 10.43 -20.45
CA TYR A 129 19.21 10.43 -19.09
C TYR A 129 18.20 10.94 -18.05
N VAL A 130 17.27 11.80 -18.47
CA VAL A 130 16.25 12.29 -17.55
C VAL A 130 15.35 11.13 -17.09
N ILE A 131 14.88 10.33 -18.05
CA ILE A 131 13.99 9.22 -17.71
C ILE A 131 14.71 8.16 -16.86
N ARG A 132 15.98 7.92 -17.16
CA ARG A 132 16.78 7.01 -16.35
C ARG A 132 16.89 7.48 -14.89
N LYS A 133 17.15 8.77 -14.71
CA LYS A 133 17.23 9.36 -13.37
C LYS A 133 15.89 9.29 -12.63
N HIS A 134 14.82 9.69 -13.32
CA HIS A 134 13.48 9.61 -12.74
C HIS A 134 13.15 8.20 -12.25
N THR A 135 13.47 7.22 -13.07
CA THR A 135 13.15 5.83 -12.75
C THR A 135 13.91 5.39 -11.50
N GLN A 136 15.19 5.73 -11.43
CA GLN A 136 16.00 5.37 -10.27
C GLN A 136 15.47 6.03 -9.02
N GLN A 137 15.10 7.30 -9.13
CA GLN A 137 14.54 8.03 -7.99
C GLN A 137 13.18 7.47 -7.57
N MSE A 138 12.36 7.10 -8.56
CA MSE A 138 11.06 6.49 -8.30
C MSE A 138 11.21 5.21 -7.48
O MSE A 138 10.57 5.03 -6.44
CB MSE A 138 10.34 6.17 -9.62
CG MSE A 138 8.96 5.54 -9.47
SE MSE A 138 9.00 3.59 -9.29
CE MSE A 138 9.59 3.17 -11.12
N LYS A 139 12.08 4.33 -7.97
CA LYS A 139 12.35 3.07 -7.29
C LYS A 139 12.85 3.29 -5.86
N LYS A 140 13.76 4.23 -5.67
CA LYS A 140 14.25 4.56 -4.34
C LYS A 140 13.14 5.08 -3.41
N SER A 141 12.12 5.71 -3.99
CA SER A 141 11.07 6.35 -3.19
C SER A 141 10.09 5.37 -2.54
N ILE A 142 9.84 4.26 -3.21
CA ILE A 142 8.70 3.39 -2.87
C ILE A 142 8.61 2.97 -1.39
N LYS A 143 9.68 2.40 -0.87
CA LYS A 143 9.72 1.86 0.48
C LYS A 143 9.29 2.83 1.59
N GLY A 144 9.64 4.11 1.45
CA GLY A 144 9.38 5.09 2.49
C GLY A 144 8.12 5.91 2.35
N LEU A 145 7.28 5.60 1.37
CA LEU A 145 6.08 6.38 1.09
C LEU A 145 5.08 6.46 2.25
N GLN A 146 4.81 5.32 2.88
CA GLN A 146 3.88 5.27 3.99
C GLN A 146 4.41 6.15 5.12
N ARG A 147 5.68 5.95 5.46
CA ARG A 147 6.33 6.68 6.55
C ARG A 147 6.38 8.17 6.28
N GLU A 148 6.44 8.56 5.01
CA GLU A 148 6.44 9.98 4.66
C GLU A 148 5.11 10.66 4.99
N GLY A 149 4.04 9.89 5.07
CA GLY A 149 2.74 10.44 5.45
C GLY A 149 1.58 10.08 4.56
N PHE A 150 1.84 9.30 3.50
CA PHE A 150 0.76 8.81 2.64
C PHE A 150 -0.10 7.77 3.35
N ARG A 151 -1.42 8.02 3.41
CA ARG A 151 -2.34 7.15 4.14
C ARG A 151 -2.64 5.88 3.37
N TYR A 152 -2.81 6.02 2.06
CA TYR A 152 -2.94 4.88 1.17
C TYR A 152 -1.82 4.96 0.15
N VAL A 153 -1.19 3.81 -0.08
CA VAL A 153 -0.11 3.72 -1.04
C VAL A 153 -0.40 2.61 -2.05
N TYR A 154 -0.58 3.01 -3.31
CA TYR A 154 -0.91 2.08 -4.39
C TYR A 154 0.23 1.94 -5.39
N ILE A 155 0.83 0.76 -5.47
CA ILE A 155 1.90 0.51 -6.43
C ILE A 155 1.40 -0.26 -7.66
N LEU A 156 1.54 0.36 -8.84
CA LEU A 156 1.18 -0.26 -10.10
C LEU A 156 2.44 -0.78 -10.79
N ASN A 157 2.54 -2.10 -10.96
CA ASN A 157 3.80 -2.72 -11.35
C ASN A 157 3.98 -3.06 -12.82
N SER A 158 3.01 -2.69 -13.65
CA SER A 158 3.03 -3.05 -15.05
C SER A 158 1.95 -2.24 -15.76
N PRO A 159 2.10 -2.07 -17.09
CA PRO A 159 1.10 -1.33 -17.87
C PRO A 159 -0.27 -2.01 -17.81
N GLU A 160 -0.29 -3.33 -17.66
CA GLU A 160 -1.52 -4.08 -17.51
C GLU A 160 -2.24 -3.66 -16.24
N GLU A 161 -1.52 -3.62 -15.12
CA GLU A 161 -2.12 -3.24 -13.85
C GLU A 161 -2.65 -1.81 -13.91
N VAL A 162 -1.90 -0.92 -14.57
CA VAL A 162 -2.29 0.47 -14.72
C VAL A 162 -3.60 0.55 -15.50
N GLU A 163 -3.68 -0.26 -16.55
CA GLU A 163 -4.86 -0.33 -17.40
C GLU A 163 -6.12 -0.75 -16.64
N GLU A 164 -5.96 -1.72 -15.73
CA GLU A 164 -7.07 -2.34 -15.03
C GLU A 164 -7.58 -1.56 -13.81
N VAL A 165 -6.92 -0.44 -13.51
CA VAL A 165 -7.31 0.38 -12.37
C VAL A 165 -8.72 0.95 -12.51
N VAL A 166 -9.51 0.80 -11.46
CA VAL A 166 -10.76 1.53 -11.31
C VAL A 166 -10.73 2.20 -9.95
N PHE A 167 -11.13 3.46 -9.86
CA PHE A 167 -11.16 4.13 -8.55
C PHE A 167 -12.50 3.93 -7.85
N GLU A 168 -12.44 3.69 -6.55
CA GLU A 168 -13.66 3.57 -5.75
C GLU A 168 -13.67 4.69 -4.73
N ARG A 169 -14.52 5.69 -4.95
CA ARG A 169 -14.65 6.80 -4.01
C ARG A 169 -15.82 6.55 -3.08
N GLN A 170 -15.54 6.31 -1.81
CA GLN A 170 -16.58 6.42 -0.81
C GLN A 170 -16.34 7.67 0.03
N PRO A 171 -17.39 8.47 0.21
CA PRO A 171 -17.32 9.57 1.17
C PRO A 171 -17.47 9.07 2.59
N SER B 1 2.80 8.89 15.05
CA SER B 1 2.48 7.48 14.96
C SER B 1 2.27 7.07 13.51
N MSE B 2 1.98 5.79 13.29
CA MSE B 2 1.78 5.28 11.94
C MSE B 2 0.35 4.78 11.76
O MSE B 2 0.03 3.64 12.10
CB MSE B 2 2.75 4.14 11.68
CG MSE B 2 2.88 3.80 10.23
SE MSE B 2 4.65 4.20 9.56
CE MSE B 2 4.84 2.53 8.57
N LYS B 3 -0.51 5.64 11.22
CA LYS B 3 -1.94 5.36 11.14
C LYS B 3 -2.30 4.41 10.00
N LEU B 4 -2.88 3.26 10.36
CA LEU B 4 -3.35 2.31 9.37
C LEU B 4 -4.87 2.32 9.36
N THR B 5 -5.43 2.60 8.20
CA THR B 5 -6.86 2.79 8.05
C THR B 5 -7.52 1.50 7.59
N ILE B 6 -8.55 1.07 8.32
CA ILE B 6 -9.29 -0.14 7.94
C ILE B 6 -10.79 0.07 8.02
N PRO B 7 -11.54 -0.50 7.07
CA PRO B 7 -13.00 -0.38 7.13
C PRO B 7 -13.54 -1.12 8.35
N GLU B 8 -14.69 -0.70 8.84
CA GLU B 8 -15.34 -1.30 10.00
C GLU B 8 -15.51 -2.79 9.80
N LEU B 9 -15.79 -3.18 8.57
CA LEU B 9 -15.89 -4.57 8.19
C LEU B 9 -14.74 -4.93 7.27
N SER B 10 -13.74 -5.62 7.82
CA SER B 10 -12.62 -6.09 7.00
C SER B 10 -12.05 -7.41 7.50
N LEU B 11 -11.30 -8.06 6.62
CA LEU B 11 -10.50 -9.22 6.97
C LEU B 11 -9.04 -8.78 7.03
N VAL B 12 -8.49 -8.71 8.24
CA VAL B 12 -7.12 -8.26 8.43
C VAL B 12 -6.17 -9.44 8.47
N VAL B 13 -5.29 -9.55 7.48
CA VAL B 13 -4.42 -10.71 7.36
C VAL B 13 -2.99 -10.37 7.77
N LEU B 14 -2.53 -11.00 8.83
CA LEU B 14 -1.17 -10.76 9.32
C LEU B 14 -0.20 -11.59 8.50
N ILE B 15 0.92 -10.98 8.12
CA ILE B 15 1.89 -11.66 7.25
C ILE B 15 3.29 -11.48 7.81
N GLY B 16 3.88 -12.57 8.26
CA GLY B 16 5.19 -12.51 8.89
C GLY B 16 5.71 -13.85 9.35
N SER B 17 7.03 -13.95 9.40
CA SER B 17 7.71 -15.13 9.89
C SER B 17 7.31 -15.46 11.32
N SER B 18 7.58 -16.69 11.74
CA SER B 18 7.50 -16.99 13.16
C SER B 18 8.50 -16.08 13.87
N GLY B 19 8.10 -15.54 15.02
CA GLY B 19 8.96 -14.65 15.78
C GLY B 19 8.82 -13.18 15.36
N SER B 20 8.10 -12.90 14.30
CA SER B 20 7.98 -11.52 13.83
C SER B 20 7.05 -10.69 14.72
N GLY B 21 6.27 -11.37 15.57
CA GLY B 21 5.47 -10.67 16.57
C GLY B 21 4.00 -10.46 16.25
N LYS B 22 3.44 -11.31 15.38
CA LYS B 22 2.05 -11.20 14.96
C LYS B 22 1.04 -11.29 16.11
N SER B 23 1.13 -12.32 16.94
CA SER B 23 0.18 -12.52 18.02
C SER B 23 0.26 -11.41 19.06
N THR B 24 1.48 -10.97 19.35
CA THR B 24 1.69 -9.85 20.25
C THR B 24 0.95 -8.62 19.71
N PHE B 25 1.11 -8.38 18.42
CA PHE B 25 0.45 -7.28 17.72
C PHE B 25 -1.07 -7.41 17.80
N ALA B 26 -1.58 -8.58 17.42
CA ALA B 26 -3.03 -8.85 17.48
C ALA B 26 -3.65 -8.59 18.84
N LYS B 27 -2.96 -9.00 19.90
CA LYS B 27 -3.48 -8.88 21.24
C LYS B 27 -3.49 -7.40 21.67
N LYS B 28 -2.48 -6.66 21.23
CA LYS B 28 -2.40 -5.25 21.54
C LYS B 28 -3.51 -4.42 20.87
N HIS B 29 -3.80 -4.72 19.62
CA HIS B 29 -4.70 -3.88 18.83
C HIS B 29 -6.15 -4.35 18.71
N PHE B 30 -6.39 -5.65 18.84
CA PHE B 30 -7.73 -6.19 18.61
C PHE B 30 -8.30 -6.90 19.84
N LYS B 31 -9.62 -7.06 19.86
CA LYS B 31 -10.27 -7.86 20.90
C LYS B 31 -10.01 -9.33 20.61
N PRO B 32 -9.81 -10.13 21.67
CA PRO B 32 -9.62 -11.59 21.62
C PRO B 32 -10.50 -12.31 20.60
N THR B 33 -11.80 -12.04 20.61
CA THR B 33 -12.74 -12.73 19.73
C THR B 33 -12.60 -12.31 18.28
N GLU B 34 -11.97 -11.15 18.02
CA GLU B 34 -11.75 -10.72 16.65
C GLU B 34 -10.62 -11.50 16.01
N VAL B 35 -9.80 -12.10 16.86
CA VAL B 35 -8.58 -12.77 16.42
C VAL B 35 -8.74 -14.30 16.32
N ILE B 36 -8.38 -14.84 15.16
CA ILE B 36 -8.40 -16.27 14.95
C ILE B 36 -7.02 -16.75 14.53
N SER B 37 -6.40 -17.61 15.32
CA SER B 37 -5.03 -18.03 15.03
C SER B 37 -4.96 -19.47 14.56
N SER B 38 -3.93 -19.80 13.81
CA SER B 38 -3.72 -21.16 13.35
C SER B 38 -3.41 -22.10 14.51
N ASP B 39 -2.62 -21.63 15.48
CA ASP B 39 -2.34 -22.47 16.64
C ASP B 39 -3.58 -22.82 17.43
N PHE B 40 -4.51 -21.87 17.54
CA PHE B 40 -5.77 -22.12 18.21
C PHE B 40 -6.53 -23.23 17.51
N CYS B 41 -6.56 -23.19 16.18
CA CYS B 41 -7.34 -24.16 15.40
C CYS B 41 -6.67 -25.52 15.43
N ARG B 42 -5.34 -25.52 15.46
CA ARG B 42 -4.61 -26.75 15.68
C ARG B 42 -5.01 -27.39 17.01
N GLY B 43 -5.20 -26.56 18.03
CA GLY B 43 -5.58 -27.03 19.36
C GLY B 43 -6.97 -27.63 19.42
N LEU B 44 -7.82 -27.29 18.45
CA LEU B 44 -9.15 -27.87 18.37
C LEU B 44 -9.08 -29.30 17.86
N MSE B 45 -7.98 -29.63 17.19
CA MSE B 45 -7.83 -30.94 16.56
C MSE B 45 -6.92 -31.84 17.40
O MSE B 45 -6.94 -33.05 17.26
CB MSE B 45 -7.21 -30.79 15.17
CG MSE B 45 -7.97 -29.89 14.21
SE MSE B 45 -9.65 -30.72 13.65
CE MSE B 45 -10.88 -29.61 14.73
N SER B 46 -6.13 -31.22 18.27
CA SER B 46 -5.13 -31.97 19.00
C SER B 46 -4.70 -31.27 20.28
N ASP B 47 -4.57 -32.04 21.36
CA ASP B 47 -4.01 -31.53 22.61
C ASP B 47 -2.50 -31.29 22.46
N ASP B 48 -1.83 -32.18 21.73
CA ASP B 48 -0.40 -32.07 21.45
C ASP B 48 -0.06 -30.83 20.66
N GLU B 49 1.22 -30.49 20.62
CA GLU B 49 1.76 -29.40 19.79
C GLU B 49 2.55 -29.84 18.55
N ASN B 50 3.11 -31.05 18.58
CA ASN B 50 4.04 -31.49 17.53
C ASN B 50 3.44 -32.35 16.43
N ASP B 51 2.13 -32.55 16.46
CA ASP B 51 1.48 -33.40 15.47
C ASP B 51 1.42 -32.66 14.14
N GLN B 52 2.26 -33.08 13.20
CA GLN B 52 2.40 -32.42 11.91
C GLN B 52 1.20 -32.69 11.01
N THR B 53 0.42 -33.68 11.39
CA THR B 53 -0.70 -34.14 10.57
C THR B 53 -2.04 -33.42 10.79
N VAL B 54 -2.17 -32.55 11.81
CA VAL B 54 -3.48 -31.91 11.93
C VAL B 54 -3.53 -30.58 11.20
N THR B 55 -2.40 -30.21 10.58
CA THR B 55 -2.23 -28.89 9.97
C THR B 55 -3.29 -28.54 8.92
N GLY B 56 -3.48 -29.42 7.95
CA GLY B 56 -4.47 -29.21 6.91
C GLY B 56 -5.88 -29.07 7.46
N ALA B 57 -6.27 -29.98 8.33
CA ALA B 57 -7.58 -29.90 8.95
C ALA B 57 -7.75 -28.60 9.73
N ALA B 58 -6.70 -28.19 10.45
CA ALA B 58 -6.72 -26.94 11.21
C ALA B 58 -6.94 -25.74 10.30
N PHE B 59 -6.33 -25.74 9.12
CA PHE B 59 -6.50 -24.60 8.25
C PHE B 59 -7.92 -24.58 7.65
N ASP B 60 -8.46 -25.76 7.38
CA ASP B 60 -9.87 -25.86 6.99
C ASP B 60 -10.79 -25.24 8.04
N VAL B 61 -10.50 -25.51 9.31
CA VAL B 61 -11.31 -24.99 10.40
C VAL B 61 -11.14 -23.47 10.50
N LEU B 62 -9.91 -23.01 10.31
CA LEU B 62 -9.63 -21.58 10.31
CA LEU B 62 -9.61 -21.58 10.29
C LEU B 62 -10.42 -20.84 9.23
N HIS B 63 -10.38 -21.36 8.01
CA HIS B 63 -11.14 -20.79 6.90
C HIS B 63 -12.64 -20.77 7.16
N TYR B 64 -13.15 -21.81 7.80
CA TYR B 64 -14.59 -21.89 8.05
C TYR B 64 -15.05 -20.92 9.12
N ILE B 65 -14.27 -20.82 10.20
CA ILE B 65 -14.58 -19.89 11.28
C ILE B 65 -14.50 -18.44 10.77
N VAL B 66 -13.48 -18.15 9.98
CA VAL B 66 -13.35 -16.83 9.37
C VAL B 66 -14.57 -16.57 8.48
N SER B 67 -14.95 -17.57 7.70
CA SER B 67 -16.06 -17.43 6.77
C SER B 67 -17.37 -17.04 7.48
N LYS B 68 -17.67 -17.71 8.60
CA LYS B 68 -18.92 -17.45 9.30
C LYS B 68 -18.94 -16.10 10.02
N ARG B 69 -17.78 -15.67 10.52
CA ARG B 69 -17.66 -14.35 11.13
C ARG B 69 -17.95 -13.24 10.14
N LEU B 70 -17.32 -13.31 8.98
CA LEU B 70 -17.54 -12.32 7.96
C LEU B 70 -19.00 -12.36 7.52
N GLN B 71 -19.55 -13.56 7.42
CA GLN B 71 -20.95 -13.70 7.07
C GLN B 71 -21.83 -12.92 8.04
N LEU B 72 -21.44 -12.89 9.32
CA LEU B 72 -22.20 -12.18 10.33
C LEU B 72 -21.83 -10.70 10.37
N GLY B 73 -20.91 -10.31 9.49
CA GLY B 73 -20.47 -8.92 9.42
C GLY B 73 -19.53 -8.54 10.55
N LYS B 74 -18.66 -9.47 10.95
CA LYS B 74 -17.77 -9.22 12.08
C LYS B 74 -16.32 -9.17 11.63
N LEU B 75 -15.66 -8.04 11.88
CA LEU B 75 -14.26 -7.85 11.55
C LEU B 75 -13.43 -8.99 12.13
N THR B 76 -12.48 -9.50 11.36
CA THR B 76 -11.71 -10.67 11.76
C THR B 76 -10.23 -10.50 11.41
N VAL B 77 -9.36 -10.90 12.32
CA VAL B 77 -7.92 -10.84 12.08
C VAL B 77 -7.39 -12.27 11.98
N VAL B 78 -6.63 -12.57 10.93
CA VAL B 78 -6.07 -13.92 10.80
C VAL B 78 -4.62 -13.97 11.29
N ASP B 79 -4.42 -14.52 12.47
CA ASP B 79 -3.08 -14.61 13.04
C ASP B 79 -2.41 -15.90 12.59
N ALA B 80 -1.76 -15.86 11.44
CA ALA B 80 -0.99 -16.99 10.96
C ALA B 80 0.20 -16.44 10.18
N THR B 81 1.15 -17.29 9.80
CA THR B 81 2.33 -16.81 9.09
C THR B 81 1.92 -16.13 7.78
N ASN B 82 1.11 -16.81 6.97
CA ASN B 82 0.60 -16.25 5.72
C ASN B 82 1.66 -15.80 4.71
N VAL B 83 2.84 -16.41 4.76
CA VAL B 83 3.93 -16.03 3.88
C VAL B 83 3.89 -16.72 2.52
N GLN B 84 2.93 -17.62 2.33
CA GLN B 84 2.77 -18.32 1.06
C GLN B 84 1.50 -17.85 0.37
N GLU B 85 1.57 -17.71 -0.95
CA GLU B 85 0.42 -17.30 -1.72
C GLU B 85 -0.76 -18.25 -1.52
N SER B 86 -0.45 -19.55 -1.47
CA SER B 86 -1.47 -20.59 -1.31
C SER B 86 -2.24 -20.43 -0.01
N ALA B 87 -1.59 -19.86 1.00
CA ALA B 87 -2.26 -19.61 2.26
C ALA B 87 -3.11 -18.36 2.17
N ARG B 88 -2.71 -17.44 1.31
CA ARG B 88 -3.37 -16.13 1.25
C ARG B 88 -4.58 -16.11 0.33
N LYS B 89 -4.50 -16.83 -0.78
CA LYS B 89 -5.60 -16.84 -1.76
C LYS B 89 -6.98 -17.18 -1.17
N PRO B 90 -7.10 -18.28 -0.40
CA PRO B 90 -8.45 -18.55 0.11
C PRO B 90 -8.99 -17.47 1.05
N LEU B 91 -8.12 -16.78 1.78
CA LEU B 91 -8.60 -15.72 2.67
C LEU B 91 -9.20 -14.60 1.83
N ILE B 92 -8.56 -14.31 0.71
CA ILE B 92 -8.98 -13.23 -0.17
C ILE B 92 -10.32 -13.55 -0.81
N GLU B 93 -10.48 -14.81 -1.21
CA GLU B 93 -11.71 -15.27 -1.84
C GLU B 93 -12.88 -15.24 -0.86
N ILE B 94 -12.61 -15.52 0.40
CA ILE B 94 -13.66 -15.51 1.42
C ILE B 94 -14.12 -14.08 1.62
N ALA B 95 -13.16 -13.18 1.75
CA ALA B 95 -13.42 -11.77 1.91
C ALA B 95 -14.27 -11.19 0.76
N LYS B 96 -13.89 -11.49 -0.48
CA LYS B 96 -14.67 -11.05 -1.63
C LYS B 96 -16.10 -11.60 -1.58
N ASP B 97 -16.23 -12.88 -1.26
CA ASP B 97 -17.53 -13.55 -1.23
C ASP B 97 -18.52 -12.90 -0.25
N TYR B 98 -18.01 -12.45 0.88
CA TYR B 98 -18.84 -11.74 1.84
C TYR B 98 -18.73 -10.22 1.73
N HIS B 99 -18.26 -9.76 0.57
CA HIS B 99 -18.11 -8.34 0.27
C HIS B 99 -17.38 -7.59 1.39
N CYS B 100 -16.24 -8.13 1.81
CA CYS B 100 -15.38 -7.52 2.81
C CYS B 100 -14.07 -7.11 2.18
N PHE B 101 -13.43 -6.07 2.73
CA PHE B 101 -12.10 -5.66 2.29
C PHE B 101 -11.02 -6.54 2.91
N PRO B 102 -10.25 -7.25 2.08
CA PRO B 102 -9.05 -7.91 2.59
C PRO B 102 -7.91 -6.91 2.77
N VAL B 103 -7.35 -6.84 3.98
CA VAL B 103 -6.26 -5.93 4.31
C VAL B 103 -5.01 -6.71 4.72
N ALA B 104 -3.87 -6.39 4.11
CA ALA B 104 -2.61 -7.03 4.42
C ALA B 104 -1.72 -6.19 5.34
N VAL B 105 -1.31 -6.77 6.46
CA VAL B 105 -0.37 -6.11 7.35
C VAL B 105 0.91 -6.91 7.38
N VAL B 106 1.98 -6.38 6.80
CA VAL B 106 3.20 -7.17 6.61
C VAL B 106 4.28 -6.79 7.60
N PHE B 107 4.81 -7.79 8.28
CA PHE B 107 5.88 -7.60 9.25
C PHE B 107 7.24 -7.80 8.58
N ASN B 108 7.66 -6.78 7.84
CA ASN B 108 8.88 -6.87 7.06
C ASN B 108 10.10 -6.61 7.93
N LEU B 109 10.31 -7.50 8.91
CA LEU B 109 11.42 -7.39 9.84
C LEU B 109 12.62 -8.18 9.35
N PRO B 110 13.83 -7.80 9.79
CA PRO B 110 15.02 -8.57 9.42
C PRO B 110 14.95 -9.94 10.07
N GLU B 111 15.52 -10.93 9.40
CA GLU B 111 15.51 -12.31 9.90
C GLU B 111 16.11 -12.45 11.29
N LYS B 112 17.20 -11.74 11.55
CA LYS B 112 17.89 -11.83 12.82
C LYS B 112 17.01 -11.37 13.99
N VAL B 113 16.08 -10.47 13.71
CA VAL B 113 15.16 -10.03 14.75
C VAL B 113 14.24 -11.19 15.14
N CYS B 114 13.71 -11.88 14.14
CA CYS B 114 12.85 -13.03 14.39
C CYS B 114 13.60 -14.14 15.08
N GLN B 115 14.80 -14.46 14.59
CA GLN B 115 15.63 -15.52 15.18
C GLN B 115 15.93 -15.25 16.64
N GLU B 116 16.21 -13.99 16.97
CA GLU B 116 16.52 -13.60 18.34
C GLU B 116 15.31 -13.76 19.28
N ARG B 117 14.14 -13.31 18.85
CA ARG B 117 12.94 -13.38 19.66
C ARG B 117 12.55 -14.83 19.89
N ASN B 118 12.68 -15.63 18.83
CA ASN B 118 12.43 -17.07 18.89
C ASN B 118 13.22 -17.77 20.00
N LYS B 119 14.51 -17.47 20.10
CA LYS B 119 15.36 -18.11 21.10
C LYS B 119 14.97 -17.75 22.54
N ASN B 120 14.18 -16.70 22.68
CA ASN B 120 13.78 -16.22 24.00
C ASN B 120 12.31 -16.45 24.34
N ARG B 121 11.55 -17.03 23.41
CA ARG B 121 10.15 -17.36 23.64
C ARG B 121 10.01 -18.37 24.77
N THR B 122 8.95 -18.21 25.56
CA THR B 122 8.65 -19.14 26.65
C THR B 122 7.48 -20.06 26.31
N ASP B 123 6.79 -19.79 25.22
CA ASP B 123 5.63 -20.60 24.86
C ASP B 123 6.00 -21.78 23.99
N ARG B 124 6.62 -21.51 22.85
CA ARG B 124 7.09 -22.56 21.95
C ARG B 124 8.14 -21.96 21.04
N GLN B 125 9.04 -22.80 20.53
CA GLN B 125 10.06 -22.34 19.61
C GLN B 125 10.09 -23.18 18.33
N VAL B 126 10.59 -22.61 17.25
CA VAL B 126 10.78 -23.33 16.00
C VAL B 126 12.26 -23.45 15.67
N GLU B 127 12.59 -24.32 14.74
CA GLU B 127 13.95 -24.46 14.23
C GLU B 127 14.38 -23.20 13.47
N GLU B 128 15.68 -22.91 13.47
CA GLU B 128 16.21 -21.75 12.79
C GLU B 128 15.90 -21.72 11.28
N TYR B 129 16.01 -22.87 10.61
CA TYR B 129 15.77 -22.91 9.17
C TYR B 129 14.33 -22.54 8.82
N VAL B 130 13.41 -22.79 9.73
CA VAL B 130 12.01 -22.41 9.50
C VAL B 130 11.87 -20.89 9.38
N ILE B 131 12.47 -20.16 10.31
CA ILE B 131 12.39 -18.70 10.27
C ILE B 131 13.09 -18.12 9.03
N ARG B 132 14.22 -18.70 8.65
CA ARG B 132 14.92 -18.28 7.44
C ARG B 132 14.03 -18.45 6.20
N LYS B 133 13.36 -19.59 6.11
CA LYS B 133 12.45 -19.83 4.98
C LYS B 133 11.27 -18.87 4.97
N HIS B 134 10.63 -18.69 6.13
CA HIS B 134 9.52 -17.76 6.26
C HIS B 134 9.92 -16.36 5.80
N THR B 135 11.08 -15.90 6.23
CA THR B 135 11.53 -14.56 5.89
C THR B 135 11.75 -14.40 4.38
N GLN B 136 12.37 -15.38 3.76
CA GLN B 136 12.57 -15.36 2.31
C GLN B 136 11.24 -15.34 1.59
N GLN B 137 10.30 -16.16 2.05
CA GLN B 137 8.97 -16.21 1.45
C GLN B 137 8.22 -14.89 1.65
N MSE B 138 8.34 -14.32 2.84
CA MSE B 138 7.72 -13.05 3.16
C MSE B 138 8.21 -11.97 2.19
O MSE B 138 7.41 -11.26 1.58
CB MSE B 138 8.03 -12.65 4.61
CG MSE B 138 7.42 -11.31 5.05
SE MSE B 138 8.52 -9.74 4.62
CE MSE B 138 9.97 -10.03 5.88
N LYS B 139 9.53 -11.87 2.05
CA LYS B 139 10.11 -10.88 1.15
C LYS B 139 9.63 -11.07 -0.29
N LYS B 140 9.57 -12.32 -0.73
CA LYS B 140 9.12 -12.60 -2.09
C LYS B 140 7.66 -12.22 -2.30
N SER B 141 6.86 -12.25 -1.22
CA SER B 141 5.43 -12.00 -1.31
C SER B 141 5.05 -10.53 -1.53
N ILE B 142 5.87 -9.61 -1.01
CA ILE B 142 5.47 -8.21 -0.88
C ILE B 142 4.95 -7.56 -2.17
N LYS B 143 5.75 -7.63 -3.23
CA LYS B 143 5.47 -6.93 -4.47
C LYS B 143 4.11 -7.24 -5.10
N GLY B 144 3.65 -8.48 -4.93
CA GLY B 144 2.42 -8.93 -5.60
C GLY B 144 1.16 -8.89 -4.74
N LEU B 145 1.25 -8.32 -3.54
CA LEU B 145 0.12 -8.33 -2.61
C LEU B 145 -1.12 -7.59 -3.13
N GLN B 146 -0.91 -6.41 -3.71
CA GLN B 146 -2.04 -5.63 -4.23
C GLN B 146 -2.72 -6.42 -5.34
N ARG B 147 -1.92 -6.90 -6.29
CA ARG B 147 -2.43 -7.67 -7.43
C ARG B 147 -3.15 -8.96 -7.00
N GLU B 148 -2.74 -9.55 -5.88
CA GLU B 148 -3.41 -10.73 -5.37
C GLU B 148 -4.85 -10.44 -4.93
N GLY B 149 -5.15 -9.19 -4.62
CA GLY B 149 -6.49 -8.82 -4.25
C GLY B 149 -6.64 -8.05 -2.95
N PHE B 150 -5.53 -7.78 -2.27
CA PHE B 150 -5.57 -6.93 -1.09
C PHE B 150 -5.88 -5.47 -1.46
N ARG B 151 -6.90 -4.89 -0.83
CA ARG B 151 -7.35 -3.54 -1.12
C ARG B 151 -6.44 -2.50 -0.49
N TYR B 152 -6.03 -2.75 0.75
CA TYR B 152 -5.03 -1.94 1.43
C TYR B 152 -3.84 -2.82 1.79
N VAL B 153 -2.64 -2.31 1.51
CA VAL B 153 -1.43 -3.05 1.82
C VAL B 153 -0.52 -2.18 2.66
N TYR B 154 -0.26 -2.62 3.89
CA TYR B 154 0.55 -1.88 4.84
C TYR B 154 1.85 -2.63 5.18
N ILE B 155 2.98 -2.02 4.84
CA ILE B 155 4.28 -2.65 5.08
C ILE B 155 4.98 -2.00 6.27
N LEU B 156 5.26 -2.80 7.29
CA LEU B 156 5.96 -2.32 8.48
C LEU B 156 7.42 -2.77 8.40
N ASN B 157 8.33 -1.80 8.34
CA ASN B 157 9.71 -2.11 7.96
C ASN B 157 10.72 -2.21 9.10
N SER B 158 10.24 -2.13 10.33
CA SER B 158 11.12 -2.11 11.49
C SER B 158 10.26 -2.27 12.72
N PRO B 159 10.86 -2.74 13.83
CA PRO B 159 10.12 -2.90 15.10
C PRO B 159 9.58 -1.56 15.57
N GLU B 160 10.28 -0.47 15.26
CA GLU B 160 9.83 0.87 15.65
C GLU B 160 8.52 1.21 14.96
N GLU B 161 8.46 0.98 13.65
CA GLU B 161 7.24 1.23 12.90
C GLU B 161 6.07 0.37 13.39
N VAL B 162 6.36 -0.89 13.70
CA VAL B 162 5.37 -1.81 14.26
C VAL B 162 4.82 -1.26 15.58
N GLU B 163 5.73 -0.74 16.39
CA GLU B 163 5.38 -0.19 17.69
C GLU B 163 4.44 1.01 17.57
N GLU B 164 4.66 1.83 16.56
CA GLU B 164 3.98 3.11 16.41
C GLU B 164 2.64 3.03 15.68
N VAL B 165 2.27 1.83 15.26
CA VAL B 165 0.99 1.62 14.58
C VAL B 165 -0.21 1.97 15.46
N VAL B 166 -1.13 2.75 14.90
CA VAL B 166 -2.47 2.88 15.48
C VAL B 166 -3.48 2.59 14.39
N PHE B 167 -4.51 1.79 14.68
CA PHE B 167 -5.53 1.56 13.68
C PHE B 167 -6.60 2.64 13.69
N GLU B 168 -7.04 3.04 12.50
CA GLU B 168 -8.13 3.98 12.38
C GLU B 168 -9.28 3.32 11.65
N ARG B 169 -10.30 2.92 12.41
CA ARG B 169 -11.46 2.29 11.83
C ARG B 169 -12.47 3.35 11.41
N GLN B 170 -12.37 3.77 10.17
CA GLN B 170 -13.42 4.53 9.53
C GLN B 170 -14.69 3.68 9.44
MG MG C . 2.38 14.53 -18.17
N1 CTP D . 1.04 6.35 -23.35
C2 CTP D . 0.78 5.10 -23.91
N3 CTP D . 0.06 4.17 -23.23
C4 CTP D . -0.43 4.47 -22.01
C5 CTP D . -0.19 5.71 -21.44
C6 CTP D . 0.56 6.66 -22.13
O2 CTP D . 1.24 4.84 -25.04
N4 CTP D . -1.16 3.55 -21.34
C1' CTP D . 1.82 7.32 -24.11
C2' CTP D . 1.03 8.61 -24.27
O2' CTP D . 0.22 8.57 -25.45
C3' CTP D . 2.12 9.64 -24.42
C4' CTP D . 3.31 9.07 -23.66
O4' CTP D . 3.03 7.68 -23.43
O3' CTP D . 2.51 9.67 -25.79
C5' CTP D . 3.49 9.81 -22.34
O5' CTP D . 2.31 9.72 -21.56
PA CTP D . 1.99 10.90 -20.53
O1A CTP D . 0.71 10.64 -19.80
O2A CTP D . 2.13 12.20 -21.29
O3A CTP D . 3.28 10.69 -19.59
PB CTP D . 3.61 11.58 -18.29
O1B CTP D . 4.02 10.61 -17.18
O2B CTP D . 2.51 12.57 -18.05
O3B CTP D . 4.97 12.33 -18.74
PG CTP D . 5.47 13.77 -18.18
O1G CTP D . 6.20 13.51 -16.88
O2G CTP D . 6.42 14.15 -19.27
O3G CTP D . 4.22 14.60 -18.06
N1 CTP E . 8.40 -9.96 21.05
C2 CTP E . 9.03 -8.85 21.63
N3 CTP E . 8.64 -7.61 21.30
C4 CTP E . 7.64 -7.42 20.40
C5 CTP E . 7.00 -8.52 19.82
C6 CTP E . 7.40 -9.80 20.17
O2 CTP E . 9.95 -9.02 22.46
N4 CTP E . 7.24 -6.16 20.07
C1' CTP E . 8.84 -11.29 21.45
C2' CTP E . 7.96 -11.69 22.64
O2' CTP E . 8.67 -11.54 23.86
C3' CTP E . 7.61 -13.14 22.39
C4' CTP E . 8.21 -13.49 21.04
O4' CTP E . 8.65 -12.27 20.43
O3' CTP E . 8.18 -13.96 23.41
C5' CTP E . 7.15 -14.13 20.15
O5' CTP E . 6.37 -13.15 19.47
PA CTP E . 4.95 -13.60 18.86
O1A CTP E . 4.00 -12.43 18.89
O2A CTP E . 4.52 -14.90 19.50
O3A CTP E . 5.42 -13.90 17.35
PB CTP E . 4.43 -14.59 16.29
O1B CTP E . 4.52 -13.78 15.03
O2B CTP E . 3.09 -14.78 16.96
O3B CTP E . 5.15 -16.03 16.05
PG CTP E . 4.38 -17.38 15.60
O1G CTP E . 4.12 -17.24 14.11
O2G CTP E . 5.39 -18.44 15.92
O3G CTP E . 3.12 -17.44 16.44
MG MG F . 1.86 -16.22 17.33
#